data_4XU0
#
_entry.id   4XU0
#
_cell.length_a   63.55
_cell.length_b   68.907
_cell.length_c   115.333
_cell.angle_alpha   90.0
_cell.angle_beta   90.0
_cell.angle_gamma   90.0
#
_symmetry.space_group_name_H-M   'P 21 21 21'
#
loop_
_entity.id
_entity.type
_entity.pdbx_description
1 polymer 'Bifunctional ligase/repressor BirA'
2 non-polymer "2'-C-methyl-5'-O-({5-[(3aS,4S,6aR)-2-oxohexahydro-1H-thieno[3,4-d]imidazol-4-yl]pentanoyl}sulfamoyl)adenosine"
3 water water
#
_entity_poly.entity_id   1
_entity_poly.type   'polypeptide(L)'
_entity_poly.pdbx_seq_one_letter_code
;GSHMVTDRDRLRPPLDERSLRDQLIGAGSGWRQLDVVAQTGSTNADLLARAASGADIDGVVLIAEHQTAGRGRHGRGWAA
TARAQIILSVGVRVVDVPVQAWGWLSLAAGLAVLDSVAPLIAVPPAETGLKWPNDVLARGGKLAGILAEVAQPFVVLGVG
LNVTQAPEEVDPDATSLLDLGVAAPDRNRIASRLLRELEARIIQWRNANPQLAADYRARSLTIGSRVRVELPGGQDVVGI
ARDIDDQGRLCLDVGGRTVVVSAGDVVHLR
;
_entity_poly.pdbx_strand_id   A,B
#
loop_
_chem_comp.id
_chem_comp.type
_chem_comp.name
_chem_comp.formula
44N non-polymer 2'-C-methyl-5'-O-({5-[(3aS,4S,6aR)-2-oxohexahydro-1H-thieno[3,4-d]imidazol-4-yl]pentanoyl}sulfamoyl)adenosine 'C21 H30 N8 O8 S2'
#
# COMPACT_ATOMS: atom_id res chain seq x y z
N THR A 6 -40.72 -11.83 -22.58
CA THR A 6 -41.08 -12.02 -21.18
C THR A 6 -42.05 -10.94 -20.72
N ASP A 7 -42.47 -11.04 -19.46
CA ASP A 7 -43.35 -10.03 -18.88
C ASP A 7 -42.56 -8.80 -18.44
N ARG A 8 -41.25 -8.96 -18.29
CA ARG A 8 -40.38 -7.84 -17.93
C ARG A 8 -40.24 -6.87 -19.10
N ASP A 9 -40.54 -7.35 -20.31
CA ASP A 9 -40.50 -6.50 -21.49
C ASP A 9 -41.49 -5.35 -21.36
N ARG A 10 -42.64 -5.64 -20.75
CA ARG A 10 -43.67 -4.64 -20.53
C ARG A 10 -43.24 -3.61 -19.48
N LEU A 11 -42.18 -3.93 -18.77
CA LEU A 11 -41.65 -3.04 -17.74
C LEU A 11 -40.43 -2.29 -18.26
N ARG A 12 -40.18 -2.38 -19.55
CA ARG A 12 -38.99 -1.76 -20.15
C ARG A 12 -39.31 -0.83 -21.31
N PRO A 13 -39.95 0.32 -21.01
CA PRO A 13 -40.18 1.30 -22.08
C PRO A 13 -38.87 1.95 -22.53
N PRO A 14 -38.84 2.48 -23.75
CA PRO A 14 -37.61 3.10 -24.26
C PRO A 14 -37.25 4.37 -23.50
N LEU A 15 -35.97 4.75 -23.55
CA LEU A 15 -35.53 6.00 -22.95
C LEU A 15 -36.02 7.18 -23.77
N ASP A 16 -36.24 8.31 -23.10
CA ASP A 16 -36.63 9.54 -23.77
C ASP A 16 -35.41 10.45 -23.90
N GLU A 17 -34.76 10.41 -25.06
CA GLU A 17 -33.54 11.17 -25.29
C GLU A 17 -33.77 12.68 -25.20
N ARG A 18 -34.85 13.15 -25.81
CA ARG A 18 -35.18 14.56 -25.79
C ARG A 18 -35.35 15.08 -24.36
N SER A 19 -36.10 14.34 -23.55
CA SER A 19 -36.34 14.73 -22.16
C SER A 19 -35.05 14.78 -21.37
N LEU A 20 -34.18 13.79 -21.56
CA LEU A 20 -32.90 13.75 -20.85
C LEU A 20 -32.03 14.95 -21.22
N ARG A 21 -32.03 15.30 -22.51
CA ARG A 21 -31.28 16.46 -22.98
C ARG A 21 -31.83 17.75 -22.37
N ASP A 22 -33.15 17.87 -22.32
CA ASP A 22 -33.78 19.06 -21.77
C ASP A 22 -33.45 19.25 -20.29
N GLN A 23 -33.32 18.13 -19.56
CA GLN A 23 -33.07 18.17 -18.14
C GLN A 23 -31.59 18.35 -17.78
N LEU A 24 -30.71 17.80 -18.61
CA LEU A 24 -29.31 17.66 -18.23
C LEU A 24 -28.36 18.55 -19.03
N ILE A 25 -28.85 19.17 -20.08
CA ILE A 25 -28.02 20.05 -20.88
C ILE A 25 -28.55 21.48 -20.84
N GLY A 26 -27.75 22.39 -20.29
CA GLY A 26 -28.14 23.78 -20.18
C GLY A 26 -27.51 24.43 -18.96
N ALA A 27 -27.98 25.62 -18.64
CA ALA A 27 -27.45 26.38 -17.50
C ALA A 27 -27.56 25.59 -16.21
N GLY A 28 -26.50 25.60 -15.42
CA GLY A 28 -26.48 24.90 -14.15
C GLY A 28 -25.96 23.47 -14.26
N SER A 29 -25.81 22.98 -15.48
CA SER A 29 -25.34 21.62 -15.71
C SER A 29 -24.02 21.61 -16.50
N GLY A 30 -23.16 20.65 -16.17
CA GLY A 30 -21.86 20.55 -16.80
C GLY A 30 -21.82 19.63 -18.01
N TRP A 31 -22.91 18.89 -18.22
CA TRP A 31 -22.99 17.99 -19.37
C TRP A 31 -23.18 18.78 -20.65
N ARG A 32 -22.38 18.46 -21.66
CA ARG A 32 -22.38 19.24 -22.90
C ARG A 32 -23.07 18.52 -24.06
N GLN A 33 -23.14 17.20 -23.96
CA GLN A 33 -23.71 16.40 -25.04
C GLN A 33 -24.28 15.10 -24.48
N LEU A 34 -25.44 14.71 -24.98
CA LEU A 34 -26.05 13.45 -24.55
C LEU A 34 -26.69 12.75 -25.75
N ASP A 35 -26.32 11.49 -25.95
CA ASP A 35 -26.90 10.69 -27.02
C ASP A 35 -27.38 9.33 -26.51
N VAL A 36 -28.54 8.91 -26.97
CA VAL A 36 -29.03 7.57 -26.71
C VAL A 36 -29.00 6.76 -28.01
N VAL A 37 -28.21 5.69 -28.01
CA VAL A 37 -28.12 4.82 -29.18
C VAL A 37 -28.89 3.53 -28.92
N ALA A 38 -29.49 2.98 -29.97
CA ALA A 38 -30.26 1.75 -29.84
C ALA A 38 -29.37 0.59 -29.42
N GLN A 39 -28.16 0.53 -29.97
CA GLN A 39 -27.27 -0.60 -29.75
C GLN A 39 -25.83 -0.24 -30.06
N THR A 40 -24.90 -0.80 -29.29
CA THR A 40 -23.48 -0.69 -29.59
C THR A 40 -22.71 -1.85 -28.95
N GLY A 41 -21.45 -2.00 -29.35
CA GLY A 41 -20.59 -3.02 -28.76
C GLY A 41 -20.25 -2.68 -27.33
N SER A 42 -19.71 -1.48 -27.13
CA SER A 42 -19.35 -1.01 -25.80
C SER A 42 -19.31 0.51 -25.78
N THR A 43 -20.10 1.12 -24.89
CA THR A 43 -20.15 2.57 -24.80
C THR A 43 -18.79 3.15 -24.38
N ASN A 44 -18.08 2.43 -23.53
CA ASN A 44 -16.74 2.84 -23.14
C ASN A 44 -15.81 2.88 -24.35
N ALA A 45 -15.83 1.81 -25.14
CA ALA A 45 -15.02 1.75 -26.36
C ALA A 45 -15.38 2.88 -27.32
N ASP A 46 -16.67 3.20 -27.42
CA ASP A 46 -17.13 4.23 -28.34
C ASP A 46 -16.59 5.61 -27.97
N LEU A 47 -16.62 5.95 -26.68
CA LEU A 47 -16.14 7.25 -26.24
C LEU A 47 -14.62 7.33 -26.31
N LEU A 48 -13.96 6.20 -26.05
CA LEU A 48 -12.51 6.13 -26.20
C LEU A 48 -12.12 6.36 -27.65
N ALA A 49 -12.93 5.82 -28.56
CA ALA A 49 -12.68 5.95 -29.99
C ALA A 49 -12.85 7.39 -30.45
N ARG A 50 -13.86 8.07 -29.92
CA ARG A 50 -14.07 9.48 -30.22
C ARG A 50 -12.85 10.29 -29.78
N ALA A 51 -12.40 10.04 -28.57
CA ALA A 51 -11.24 10.73 -28.00
C ALA A 51 -9.99 10.46 -28.83
N ALA A 52 -9.87 9.24 -29.33
CA ALA A 52 -8.70 8.83 -30.11
C ALA A 52 -8.68 9.52 -31.47
N SER A 53 -9.84 10.01 -31.91
CA SER A 53 -9.93 10.73 -33.18
C SER A 53 -9.94 12.24 -32.98
N GLY A 54 -9.68 12.68 -31.75
CA GLY A 54 -9.49 14.10 -31.48
C GLY A 54 -10.69 14.82 -30.88
N ALA A 55 -11.74 14.08 -30.54
CA ALA A 55 -12.94 14.70 -29.98
C ALA A 55 -12.75 15.14 -28.53
N ASP A 56 -13.34 16.27 -28.17
CA ASP A 56 -13.40 16.70 -26.77
C ASP A 56 -14.58 16.00 -26.11
N ILE A 57 -14.29 14.96 -25.33
CA ILE A 57 -15.36 14.17 -24.73
C ILE A 57 -15.64 14.55 -23.28
N ASP A 58 -15.05 15.65 -22.82
CA ASP A 58 -15.32 16.13 -21.47
C ASP A 58 -16.79 16.52 -21.36
N GLY A 59 -17.50 15.90 -20.41
CA GLY A 59 -18.90 16.22 -20.20
C GLY A 59 -19.81 15.64 -21.26
N VAL A 60 -19.29 14.69 -22.04
CA VAL A 60 -20.08 14.01 -23.07
C VAL A 60 -20.67 12.72 -22.51
N VAL A 61 -21.97 12.51 -22.75
CA VAL A 61 -22.67 11.34 -22.25
C VAL A 61 -23.13 10.45 -23.39
N LEU A 62 -22.84 9.16 -23.29
CA LEU A 62 -23.34 8.19 -24.26
C LEU A 62 -24.11 7.07 -23.55
N ILE A 63 -25.38 6.93 -23.89
CA ILE A 63 -26.24 5.91 -23.30
C ILE A 63 -26.67 4.92 -24.37
N ALA A 64 -26.59 3.63 -24.06
CA ALA A 64 -27.03 2.60 -24.99
C ALA A 64 -28.18 1.79 -24.43
N GLU A 65 -29.24 1.63 -25.23
CA GLU A 65 -30.36 0.80 -24.84
C GLU A 65 -29.91 -0.67 -24.72
N HIS A 66 -29.02 -1.07 -25.61
CA HIS A 66 -28.49 -2.43 -25.60
C HIS A 66 -26.99 -2.43 -25.86
N GLN A 67 -26.27 -3.36 -25.24
CA GLN A 67 -24.83 -3.43 -25.39
C GLN A 67 -24.40 -4.88 -25.61
N THR A 68 -23.82 -5.16 -26.78
CA THR A 68 -23.61 -6.54 -27.22
C THR A 68 -22.20 -7.09 -26.93
N ALA A 69 -21.25 -6.21 -26.68
CA ALA A 69 -19.89 -6.64 -26.37
C ALA A 69 -19.34 -5.88 -25.16
N GLY A 70 -20.12 -5.86 -24.10
CA GLY A 70 -19.77 -5.10 -22.90
C GLY A 70 -18.45 -5.53 -22.27
N ARG A 71 -17.75 -4.57 -21.69
CA ARG A 71 -16.46 -4.84 -21.09
C ARG A 71 -16.49 -4.65 -19.57
N GLY A 72 -15.92 -5.62 -18.86
CA GLY A 72 -15.73 -5.51 -17.43
C GLY A 72 -14.29 -5.19 -17.12
N ARG A 73 -13.94 -5.15 -15.85
CA ARG A 73 -12.56 -4.90 -15.45
C ARG A 73 -11.68 -6.11 -15.76
N HIS A 74 -10.41 -5.86 -15.98
CA HIS A 74 -9.40 -6.90 -16.17
C HIS A 74 -9.74 -7.86 -17.31
N GLY A 75 -10.27 -7.32 -18.40
CA GLY A 75 -10.56 -8.11 -19.59
C GLY A 75 -11.80 -8.98 -19.48
N ARG A 76 -12.57 -8.81 -18.42
CA ARG A 76 -13.81 -9.57 -18.26
C ARG A 76 -14.92 -8.96 -19.10
N GLY A 77 -16.08 -9.60 -19.09
CA GLY A 77 -17.20 -9.13 -19.88
C GLY A 77 -18.32 -8.52 -19.05
N TRP A 78 -19.21 -7.81 -19.73
CA TRP A 78 -20.42 -7.30 -19.10
C TRP A 78 -21.61 -7.66 -19.97
N ALA A 79 -22.56 -8.40 -19.41
CA ALA A 79 -23.71 -8.88 -20.16
C ALA A 79 -24.92 -7.97 -19.97
N ALA A 80 -25.78 -7.92 -21.00
CA ALA A 80 -26.98 -7.09 -20.95
C ALA A 80 -28.01 -7.57 -21.95
N THR A 81 -29.27 -7.29 -21.66
CA THR A 81 -30.33 -7.41 -22.66
C THR A 81 -30.95 -6.04 -22.87
N ALA A 82 -31.62 -5.85 -23.99
CA ALA A 82 -32.14 -4.54 -24.39
C ALA A 82 -33.07 -3.93 -23.34
N ARG A 83 -32.80 -2.67 -23.00
CA ARG A 83 -33.66 -1.84 -22.15
C ARG A 83 -33.78 -2.36 -20.72
N ALA A 84 -32.94 -3.31 -20.34
CA ALA A 84 -32.98 -3.90 -19.00
C ALA A 84 -32.07 -3.18 -18.02
N GLN A 85 -31.14 -2.39 -18.56
CA GLN A 85 -30.17 -1.68 -17.76
C GLN A 85 -30.05 -0.22 -18.16
N ILE A 86 -29.44 0.56 -17.28
CA ILE A 86 -28.91 1.85 -17.67
CA ILE A 86 -28.91 1.86 -17.65
C ILE A 86 -27.45 1.64 -18.02
N ILE A 87 -27.14 1.76 -19.32
CA ILE A 87 -25.80 1.50 -19.83
C ILE A 87 -25.22 2.79 -20.38
N LEU A 88 -24.28 3.40 -19.64
CA LEU A 88 -23.74 4.67 -20.09
C LEU A 88 -22.25 4.86 -19.82
N SER A 89 -21.67 5.75 -20.60
CA SER A 89 -20.29 6.19 -20.42
C SER A 89 -20.24 7.71 -20.45
N VAL A 90 -19.37 8.29 -19.63
CA VAL A 90 -19.14 9.73 -19.68
C VAL A 90 -17.66 10.03 -19.81
N GLY A 91 -17.34 11.16 -20.42
CA GLY A 91 -15.96 11.58 -20.55
C GLY A 91 -15.61 12.60 -19.47
N VAL A 92 -14.43 12.43 -18.90
CA VAL A 92 -13.95 13.33 -17.85
C VAL A 92 -12.52 13.77 -18.13
N ARG A 93 -12.32 15.08 -18.27
CA ARG A 93 -10.97 15.62 -18.39
C ARG A 93 -10.27 15.50 -17.03
N VAL A 94 -9.11 14.86 -17.01
CA VAL A 94 -8.44 14.56 -15.75
C VAL A 94 -7.01 15.08 -15.69
N VAL A 95 -6.53 15.64 -16.78
CA VAL A 95 -5.13 16.07 -16.88
C VAL A 95 -4.82 17.20 -15.90
N ASP A 96 -5.85 17.93 -15.47
CA ASP A 96 -5.68 19.02 -14.52
C ASP A 96 -5.57 18.52 -13.08
N VAL A 97 -5.73 17.21 -12.90
CA VAL A 97 -5.68 16.58 -11.58
C VAL A 97 -4.49 15.62 -11.51
N PRO A 98 -3.73 15.67 -10.40
CA PRO A 98 -2.61 14.75 -10.17
C PRO A 98 -2.98 13.29 -10.41
N VAL A 99 -2.11 12.56 -11.10
CA VAL A 99 -2.39 11.19 -11.53
C VAL A 99 -2.66 10.25 -10.35
N GLN A 100 -2.04 10.55 -9.21
CA GLN A 100 -2.19 9.72 -8.02
C GLN A 100 -3.61 9.74 -7.47
N ALA A 101 -4.40 10.71 -7.90
CA ALA A 101 -5.75 10.88 -7.39
C ALA A 101 -6.81 10.33 -8.34
N TRP A 102 -6.37 9.89 -9.52
CA TRP A 102 -7.30 9.42 -10.55
C TRP A 102 -8.10 8.19 -10.12
N GLY A 103 -7.55 7.43 -9.18
CA GLY A 103 -8.20 6.24 -8.68
C GLY A 103 -9.51 6.55 -7.96
N TRP A 104 -9.59 7.74 -7.39
CA TRP A 104 -10.78 8.13 -6.63
C TRP A 104 -11.95 8.51 -7.53
N LEU A 105 -11.66 8.86 -8.79
CA LEU A 105 -12.71 9.18 -9.74
C LEU A 105 -13.62 7.97 -9.94
N SER A 106 -13.01 6.79 -9.93
CA SER A 106 -13.74 5.54 -10.08
CA SER A 106 -13.74 5.54 -10.08
C SER A 106 -14.63 5.28 -8.86
N LEU A 107 -14.09 5.49 -7.67
CA LEU A 107 -14.83 5.29 -6.43
C LEU A 107 -15.99 6.27 -6.35
N ALA A 108 -15.76 7.48 -6.84
CA ALA A 108 -16.77 8.53 -6.84
C ALA A 108 -17.97 8.14 -7.70
N ALA A 109 -17.69 7.46 -8.81
CA ALA A 109 -18.74 7.04 -9.73
C ALA A 109 -19.68 6.03 -9.10
N GLY A 110 -19.11 5.07 -8.35
CA GLY A 110 -19.91 4.06 -7.68
C GLY A 110 -20.79 4.68 -6.61
N LEU A 111 -20.23 5.65 -5.91
CA LEU A 111 -20.97 6.39 -4.89
C LEU A 111 -22.17 7.10 -5.52
N ALA A 112 -21.94 7.74 -6.67
CA ALA A 112 -23.01 8.44 -7.37
C ALA A 112 -24.12 7.50 -7.79
N VAL A 113 -23.74 6.33 -8.31
CA VAL A 113 -24.72 5.33 -8.73
C VAL A 113 -25.57 4.86 -7.55
N LEU A 114 -24.91 4.57 -6.44
CA LEU A 114 -25.60 4.10 -5.25
C LEU A 114 -26.61 5.11 -4.73
N ASP A 115 -26.18 6.37 -4.64
CA ASP A 115 -27.04 7.43 -4.13
C ASP A 115 -28.25 7.69 -5.03
N SER A 116 -28.10 7.39 -6.32
CA SER A 116 -29.14 7.67 -7.29
C SER A 116 -30.32 6.70 -7.19
N VAL A 117 -30.08 5.52 -6.64
CA VAL A 117 -31.11 4.48 -6.61
C VAL A 117 -31.53 4.06 -5.21
N ALA A 118 -30.72 4.40 -4.21
CA ALA A 118 -30.98 4.02 -2.83
C ALA A 118 -32.40 4.38 -2.32
N PRO A 119 -32.90 5.59 -2.63
CA PRO A 119 -34.23 5.90 -2.08
C PRO A 119 -35.39 5.17 -2.75
N LEU A 120 -35.13 4.46 -3.85
CA LEU A 120 -36.21 3.77 -4.57
C LEU A 120 -36.69 2.53 -3.84
N ILE A 121 -35.81 1.95 -3.03
CA ILE A 121 -36.15 0.77 -2.24
C ILE A 121 -36.97 1.16 -1.02
N ALA A 122 -38.02 0.39 -0.74
CA ALA A 122 -38.87 0.63 0.42
C ALA A 122 -38.07 0.53 1.71
N VAL A 123 -37.43 -0.62 1.92
CA VAL A 123 -36.56 -0.81 3.06
C VAL A 123 -35.25 -1.46 2.61
N PRO A 124 -34.12 -0.79 2.86
CA PRO A 124 -32.81 -1.28 2.44
C PRO A 124 -32.41 -2.57 3.17
N PRO A 125 -32.25 -3.67 2.41
CA PRO A 125 -31.83 -4.94 3.01
C PRO A 125 -30.37 -4.92 3.43
N ALA A 126 -29.91 -5.97 4.10
CA ALA A 126 -28.52 -6.07 4.52
C ALA A 126 -27.60 -6.15 3.32
N GLU A 127 -26.33 -5.79 3.52
CA GLU A 127 -25.32 -5.80 2.46
C GLU A 127 -25.72 -4.93 1.27
N THR A 128 -26.12 -3.69 1.57
CA THR A 128 -26.42 -2.72 0.53
C THR A 128 -25.47 -1.54 0.60
N GLY A 129 -24.60 -1.42 -0.39
CA GLY A 129 -23.59 -0.39 -0.41
C GLY A 129 -22.51 -0.63 -1.44
N LEU A 130 -21.29 -0.19 -1.12
CA LEU A 130 -20.19 -0.25 -2.08
C LEU A 130 -19.13 -1.28 -1.71
N LYS A 131 -18.85 -2.18 -2.64
CA LYS A 131 -17.73 -3.10 -2.48
C LYS A 131 -16.54 -2.59 -3.28
N TRP A 132 -15.38 -2.50 -2.64
CA TRP A 132 -14.19 -2.01 -3.29
C TRP A 132 -13.76 -2.94 -4.43
N PRO A 133 -13.37 -2.36 -5.58
CA PRO A 133 -13.32 -0.92 -5.82
C PRO A 133 -14.64 -0.34 -6.34
N ASN A 134 -15.22 -0.94 -7.37
CA ASN A 134 -16.41 -0.38 -8.00
C ASN A 134 -17.53 -1.39 -8.21
N ASP A 135 -18.08 -1.87 -7.11
CA ASP A 135 -19.27 -2.69 -7.15
C ASP A 135 -20.35 -2.07 -6.28
N VAL A 136 -21.51 -1.82 -6.86
CA VAL A 136 -22.67 -1.43 -6.07
C VAL A 136 -23.42 -2.71 -5.70
N LEU A 137 -23.52 -2.97 -4.41
CA LEU A 137 -24.17 -4.19 -3.95
C LEU A 137 -25.47 -3.88 -3.24
N ALA A 138 -26.41 -4.81 -3.34
CA ALA A 138 -27.67 -4.71 -2.63
C ALA A 138 -28.15 -6.12 -2.33
N ARG A 139 -28.34 -6.41 -1.04
CA ARG A 139 -28.72 -7.75 -0.60
C ARG A 139 -27.67 -8.76 -1.03
N GLY A 140 -26.41 -8.32 -1.07
CA GLY A 140 -25.30 -9.18 -1.44
C GLY A 140 -25.14 -9.38 -2.94
N GLY A 141 -26.11 -8.91 -3.72
CA GLY A 141 -26.06 -9.04 -5.17
C GLY A 141 -25.44 -7.85 -5.85
N LYS A 142 -24.85 -8.07 -7.02
CA LYS A 142 -24.23 -6.98 -7.75
C LYS A 142 -25.27 -6.21 -8.56
N LEU A 143 -25.58 -5.01 -8.10
CA LEU A 143 -26.57 -4.16 -8.73
C LEU A 143 -25.99 -3.34 -9.89
N ALA A 144 -24.72 -2.96 -9.77
CA ALA A 144 -24.06 -2.16 -10.80
C ALA A 144 -22.56 -2.40 -10.83
N GLY A 145 -21.98 -2.27 -12.01
CA GLY A 145 -20.53 -2.38 -12.18
C GLY A 145 -20.01 -1.13 -12.84
N ILE A 146 -18.83 -0.68 -12.41
CA ILE A 146 -18.22 0.53 -12.94
C ILE A 146 -16.87 0.24 -13.56
N LEU A 147 -16.60 0.84 -14.72
CA LEU A 147 -15.34 0.65 -15.42
C LEU A 147 -14.74 1.97 -15.87
N ALA A 148 -13.54 2.27 -15.38
CA ALA A 148 -12.84 3.49 -15.74
C ALA A 148 -11.66 3.19 -16.65
N GLU A 149 -11.59 3.87 -17.79
CA GLU A 149 -10.50 3.66 -18.74
C GLU A 149 -9.88 4.99 -19.15
N VAL A 150 -8.58 4.96 -19.40
CA VAL A 150 -7.85 6.19 -19.70
C VAL A 150 -7.67 6.43 -21.20
N ALA A 151 -7.75 7.69 -21.58
CA ALA A 151 -7.47 8.14 -22.94
C ALA A 151 -7.12 9.61 -22.88
N GLN A 152 -5.84 9.90 -22.65
CA GLN A 152 -5.36 11.26 -22.42
C GLN A 152 -5.91 12.28 -23.40
N PRO A 153 -6.35 13.44 -22.89
CA PRO A 153 -6.30 13.80 -21.47
C PRO A 153 -7.55 13.40 -20.68
N PHE A 154 -8.24 12.34 -21.10
CA PHE A 154 -9.52 11.98 -20.50
C PHE A 154 -9.52 10.65 -19.77
N VAL A 155 -10.49 10.50 -18.87
CA VAL A 155 -10.90 9.20 -18.36
C VAL A 155 -12.34 8.95 -18.81
N VAL A 156 -12.60 7.76 -19.33
CA VAL A 156 -13.97 7.37 -19.65
C VAL A 156 -14.54 6.49 -18.54
N LEU A 157 -15.61 6.98 -17.91
CA LEU A 157 -16.28 6.25 -16.84
C LEU A 157 -17.49 5.51 -17.38
N GLY A 158 -17.53 4.20 -17.15
CA GLY A 158 -18.64 3.39 -17.64
C GLY A 158 -19.47 2.83 -16.51
N VAL A 159 -20.79 2.95 -16.64
CA VAL A 159 -21.73 2.42 -15.66
C VAL A 159 -22.71 1.43 -16.26
N GLY A 160 -22.80 0.25 -15.66
CA GLY A 160 -23.80 -0.73 -16.02
C GLY A 160 -24.67 -0.97 -14.81
N LEU A 161 -25.89 -0.45 -14.84
CA LEU A 161 -26.81 -0.55 -13.70
C LEU A 161 -28.01 -1.45 -14.03
N ASN A 162 -28.16 -2.54 -13.28
CA ASN A 162 -29.28 -3.46 -13.51
C ASN A 162 -30.59 -2.88 -13.00
N VAL A 163 -31.48 -2.53 -13.91
CA VAL A 163 -32.76 -1.94 -13.54
C VAL A 163 -33.85 -3.01 -13.46
N THR A 164 -34.08 -3.71 -14.57
CA THR A 164 -35.02 -4.82 -14.61
C THR A 164 -34.31 -6.09 -15.07
N GLN A 165 -32.98 -6.02 -15.17
CA GLN A 165 -32.18 -7.14 -15.65
C GLN A 165 -32.31 -8.34 -14.74
N ALA A 166 -32.79 -9.45 -15.29
CA ALA A 166 -32.91 -10.69 -14.53
C ALA A 166 -31.54 -11.32 -14.34
N PRO A 167 -31.23 -11.76 -13.12
CA PRO A 167 -29.94 -12.39 -12.79
C PRO A 167 -29.61 -13.58 -13.69
N GLU A 168 -30.61 -14.35 -14.09
CA GLU A 168 -30.37 -15.52 -14.91
C GLU A 168 -29.96 -15.14 -16.33
N GLU A 169 -30.11 -13.86 -16.67
CA GLU A 169 -29.75 -13.36 -17.99
C GLU A 169 -28.28 -12.90 -18.04
N VAL A 170 -27.68 -12.67 -16.88
CA VAL A 170 -26.36 -12.05 -16.85
C VAL A 170 -25.34 -12.70 -15.91
N ASP A 171 -25.74 -12.96 -14.66
CA ASP A 171 -24.82 -13.52 -13.66
C ASP A 171 -25.57 -14.00 -12.43
N PRO A 172 -25.16 -15.15 -11.87
CA PRO A 172 -25.82 -15.69 -10.69
C PRO A 172 -25.68 -14.82 -9.43
N ASP A 173 -24.67 -13.96 -9.39
CA ASP A 173 -24.46 -13.09 -8.23
C ASP A 173 -25.04 -11.70 -8.48
N ALA A 174 -25.77 -11.57 -9.58
CA ALA A 174 -26.34 -10.28 -9.95
C ALA A 174 -27.69 -10.04 -9.28
N THR A 175 -28.09 -8.78 -9.22
CA THR A 175 -29.42 -8.40 -8.79
C THR A 175 -29.85 -7.17 -9.58
N SER A 176 -31.10 -6.76 -9.42
CA SER A 176 -31.59 -5.57 -10.09
C SER A 176 -32.56 -4.83 -9.18
N LEU A 177 -32.95 -3.63 -9.58
CA LEU A 177 -33.93 -2.86 -8.81
C LEU A 177 -35.24 -3.62 -8.73
N LEU A 178 -35.65 -4.24 -9.83
CA LEU A 178 -36.89 -5.00 -9.88
C LEU A 178 -36.83 -6.19 -8.92
N ASP A 179 -35.68 -6.85 -8.88
CA ASP A 179 -35.49 -8.00 -8.01
C ASP A 179 -35.28 -7.56 -6.55
N LEU A 180 -35.22 -6.26 -6.32
CA LEU A 180 -35.14 -5.73 -4.96
C LEU A 180 -36.48 -5.20 -4.49
N GLY A 181 -37.50 -5.33 -5.34
CA GLY A 181 -38.85 -4.95 -4.97
C GLY A 181 -39.38 -3.69 -5.62
N VAL A 182 -38.56 -3.02 -6.42
CA VAL A 182 -39.00 -1.83 -7.13
C VAL A 182 -39.87 -2.27 -8.31
N ALA A 183 -41.17 -2.09 -8.17
CA ALA A 183 -42.16 -2.63 -9.11
C ALA A 183 -42.03 -2.09 -10.52
N ALA A 184 -42.07 -0.77 -10.65
CA ALA A 184 -42.02 -0.12 -11.96
C ALA A 184 -40.95 0.95 -12.01
N PRO A 185 -39.69 0.54 -12.12
CA PRO A 185 -38.57 1.50 -12.17
C PRO A 185 -38.61 2.34 -13.43
N ASP A 186 -38.49 3.66 -13.27
CA ASP A 186 -38.48 4.58 -14.40
C ASP A 186 -37.03 4.91 -14.76
N ARG A 187 -36.54 4.32 -15.84
CA ARG A 187 -35.15 4.51 -16.25
C ARG A 187 -34.82 5.95 -16.62
N ASN A 188 -35.81 6.67 -17.12
CA ASN A 188 -35.62 8.08 -17.44
C ASN A 188 -35.31 8.90 -16.19
N ARG A 189 -36.11 8.67 -15.14
CA ARG A 189 -35.90 9.36 -13.87
C ARG A 189 -34.59 8.95 -13.23
N ILE A 190 -34.28 7.66 -13.27
CA ILE A 190 -33.07 7.14 -12.64
C ILE A 190 -31.81 7.64 -13.35
N ALA A 191 -31.85 7.65 -14.69
CA ALA A 191 -30.72 8.15 -15.47
C ALA A 191 -30.44 9.61 -15.16
N SER A 192 -31.51 10.39 -15.03
CA SER A 192 -31.37 11.81 -14.71
C SER A 192 -30.74 12.00 -13.33
N ARG A 193 -31.27 11.27 -12.33
CA ARG A 193 -30.73 11.35 -10.97
CA ARG A 193 -30.72 11.34 -10.98
C ARG A 193 -29.27 10.89 -10.94
N LEU A 194 -28.96 9.84 -11.68
CA LEU A 194 -27.59 9.30 -11.72
C LEU A 194 -26.61 10.33 -12.26
N LEU A 195 -26.95 10.96 -13.37
CA LEU A 195 -26.03 11.89 -14.01
C LEU A 195 -25.87 13.18 -13.21
N ARG A 196 -26.91 13.58 -12.48
CA ARG A 196 -26.80 14.74 -11.60
C ARG A 196 -25.88 14.41 -10.41
N GLU A 197 -26.03 13.23 -9.83
CA GLU A 197 -25.16 12.80 -8.74
C GLU A 197 -23.72 12.68 -9.22
N LEU A 198 -23.56 12.15 -10.43
CA LEU A 198 -22.24 11.93 -11.01
C LEU A 198 -21.49 13.25 -11.23
N GLU A 199 -22.20 14.26 -11.73
CA GLU A 199 -21.61 15.58 -11.93
C GLU A 199 -21.07 16.14 -10.62
N ALA A 200 -21.86 16.04 -9.56
CA ALA A 200 -21.45 16.54 -8.25
C ALA A 200 -20.20 15.85 -7.73
N ARG A 201 -20.15 14.53 -7.84
CA ARG A 201 -19.01 13.76 -7.34
C ARG A 201 -17.75 14.02 -8.16
N ILE A 202 -17.92 14.24 -9.46
CA ILE A 202 -16.78 14.56 -10.32
C ILE A 202 -16.19 15.90 -9.93
N ILE A 203 -17.06 16.88 -9.66
CA ILE A 203 -16.62 18.19 -9.22
C ILE A 203 -15.89 18.12 -7.88
N GLN A 204 -16.44 17.33 -6.95
CA GLN A 204 -15.80 17.12 -5.66
C GLN A 204 -14.42 16.50 -5.84
N TRP A 205 -14.34 15.48 -6.68
CA TRP A 205 -13.07 14.80 -6.96
C TRP A 205 -12.05 15.76 -7.56
N ARG A 206 -12.50 16.60 -8.48
CA ARG A 206 -11.63 17.55 -9.16
C ARG A 206 -11.04 18.56 -8.16
N ASN A 207 -11.79 18.86 -7.12
CA ASN A 207 -11.38 19.87 -6.16
C ASN A 207 -10.86 19.27 -4.85
N ALA A 208 -10.65 17.95 -4.87
CA ALA A 208 -10.15 17.22 -3.70
C ALA A 208 -10.99 17.47 -2.46
N ASN A 209 -12.31 17.47 -2.63
CA ASN A 209 -13.22 17.68 -1.51
C ASN A 209 -13.21 16.50 -0.56
N PRO A 210 -12.90 16.75 0.71
CA PRO A 210 -12.82 15.68 1.72
C PRO A 210 -14.13 14.94 1.93
N GLN A 211 -15.26 15.54 1.53
CA GLN A 211 -16.55 14.90 1.71
C GLN A 211 -16.70 13.67 0.81
N LEU A 212 -15.98 13.67 -0.32
CA LEU A 212 -16.03 12.53 -1.22
C LEU A 212 -15.57 11.25 -0.53
N ALA A 213 -14.40 11.31 0.09
CA ALA A 213 -13.85 10.17 0.80
C ALA A 213 -14.71 9.81 2.01
N ALA A 214 -15.23 10.83 2.69
CA ALA A 214 -16.06 10.62 3.86
C ALA A 214 -17.37 9.91 3.48
N ASP A 215 -17.98 10.35 2.39
CA ASP A 215 -19.23 9.75 1.93
C ASP A 215 -19.00 8.33 1.44
N TYR A 216 -17.85 8.08 0.81
CA TYR A 216 -17.52 6.74 0.35
C TYR A 216 -17.41 5.78 1.53
N ARG A 217 -16.72 6.23 2.57
CA ARG A 217 -16.54 5.41 3.78
C ARG A 217 -17.87 5.05 4.41
N ALA A 218 -18.81 5.98 4.38
CA ALA A 218 -20.11 5.79 5.01
C ALA A 218 -20.94 4.72 4.29
N ARG A 219 -20.63 4.48 3.03
CA ARG A 219 -21.39 3.50 2.25
C ARG A 219 -20.58 2.24 1.97
N SER A 220 -19.36 2.16 2.50
CA SER A 220 -18.48 1.03 2.23
C SER A 220 -18.91 -0.23 2.96
N LEU A 221 -19.09 -1.32 2.20
CA LEU A 221 -19.37 -2.62 2.78
C LEU A 221 -18.08 -3.38 3.02
N THR A 222 -16.99 -2.92 2.41
CA THR A 222 -15.71 -3.60 2.47
C THR A 222 -14.92 -3.24 3.72
N ILE A 223 -14.87 -1.95 4.04
CA ILE A 223 -14.14 -1.47 5.21
C ILE A 223 -14.68 -2.12 6.49
N GLY A 224 -13.80 -2.76 7.24
CA GLY A 224 -14.18 -3.40 8.48
C GLY A 224 -14.54 -4.87 8.32
N SER A 225 -14.59 -5.33 7.09
CA SER A 225 -14.99 -6.71 6.80
CA SER A 225 -14.99 -6.70 6.80
C SER A 225 -13.79 -7.61 6.55
N ARG A 226 -13.94 -8.88 6.90
CA ARG A 226 -12.95 -9.89 6.55
C ARG A 226 -13.07 -10.13 5.06
N VAL A 227 -11.95 -10.11 4.34
CA VAL A 227 -12.00 -10.25 2.90
C VAL A 227 -10.96 -11.21 2.34
N ARG A 228 -11.28 -11.80 1.20
CA ARG A 228 -10.29 -12.45 0.36
C ARG A 228 -10.14 -11.61 -0.90
N VAL A 229 -8.94 -11.13 -1.16
CA VAL A 229 -8.70 -10.29 -2.33
C VAL A 229 -7.95 -11.06 -3.41
N GLU A 230 -8.60 -11.23 -4.56
CA GLU A 230 -7.98 -11.87 -5.72
C GLU A 230 -7.17 -10.85 -6.49
N LEU A 231 -5.85 -10.94 -6.40
CA LEU A 231 -4.95 -9.99 -7.05
C LEU A 231 -4.78 -10.31 -8.53
N PRO A 232 -4.45 -9.29 -9.33
CA PRO A 232 -4.06 -9.55 -10.72
C PRO A 232 -2.88 -10.52 -10.75
N GLY A 233 -3.02 -11.61 -11.49
CA GLY A 233 -1.98 -12.62 -11.54
C GLY A 233 -2.39 -13.92 -10.89
N GLY A 234 -3.51 -13.90 -10.16
CA GLY A 234 -4.06 -15.12 -9.60
C GLY A 234 -3.89 -15.33 -8.10
N GLN A 235 -3.02 -14.54 -7.49
CA GLN A 235 -2.76 -14.70 -6.06
C GLN A 235 -3.90 -14.17 -5.20
N ASP A 236 -4.15 -14.86 -4.08
CA ASP A 236 -5.17 -14.44 -3.13
C ASP A 236 -4.53 -13.96 -1.83
N VAL A 237 -5.10 -12.92 -1.24
CA VAL A 237 -4.65 -12.42 0.06
C VAL A 237 -5.84 -12.29 0.99
N VAL A 238 -5.76 -12.92 2.15
CA VAL A 238 -6.82 -12.85 3.14
C VAL A 238 -6.45 -11.93 4.30
N GLY A 239 -7.35 -11.03 4.65
CA GLY A 239 -7.13 -10.11 5.75
C GLY A 239 -8.39 -9.37 6.13
N ILE A 240 -8.23 -8.24 6.80
CA ILE A 240 -9.36 -7.39 7.14
C ILE A 240 -9.16 -6.01 6.53
N ALA A 241 -10.11 -5.57 5.72
CA ALA A 241 -10.03 -4.25 5.11
C ALA A 241 -10.23 -3.17 6.17
N ARG A 242 -9.35 -2.18 6.16
CA ARG A 242 -9.36 -1.15 7.19
C ARG A 242 -9.69 0.24 6.66
N ASP A 243 -9.14 0.59 5.51
CA ASP A 243 -9.30 1.94 4.98
C ASP A 243 -9.00 2.03 3.48
N ILE A 244 -9.33 3.18 2.90
CA ILE A 244 -8.94 3.53 1.54
C ILE A 244 -7.97 4.71 1.61
N ASP A 245 -6.83 4.62 0.93
CA ASP A 245 -5.85 5.71 0.98
C ASP A 245 -6.18 6.80 -0.05
N ASP A 246 -5.33 7.81 -0.13
CA ASP A 246 -5.58 8.96 -0.98
C ASP A 246 -5.40 8.66 -2.48
N GLN A 247 -5.05 7.42 -2.79
CA GLN A 247 -4.93 7.00 -4.18
C GLN A 247 -6.09 6.09 -4.58
N GLY A 248 -6.99 5.85 -3.63
CA GLY A 248 -8.14 4.99 -3.86
C GLY A 248 -7.83 3.52 -3.68
N ARG A 249 -6.69 3.23 -3.06
CA ARG A 249 -6.24 1.86 -2.88
C ARG A 249 -6.75 1.27 -1.57
N LEU A 250 -6.99 -0.04 -1.57
CA LEU A 250 -7.53 -0.74 -0.41
C LEU A 250 -6.43 -1.13 0.56
N CYS A 251 -6.58 -0.71 1.82
CA CYS A 251 -5.60 -1.02 2.84
C CYS A 251 -6.07 -2.19 3.68
N LEU A 252 -5.29 -3.27 3.67
CA LEU A 252 -5.67 -4.51 4.34
C LEU A 252 -4.83 -4.75 5.59
N ASP A 253 -5.47 -5.28 6.62
CA ASP A 253 -4.77 -5.76 7.80
C ASP A 253 -4.54 -7.25 7.65
N VAL A 254 -3.28 -7.64 7.45
CA VAL A 254 -2.95 -9.05 7.34
C VAL A 254 -2.10 -9.49 8.53
N GLY A 255 -2.77 -9.95 9.58
CA GLY A 255 -2.10 -10.40 10.79
C GLY A 255 -1.21 -9.34 11.41
N GLY A 256 -1.65 -8.08 11.34
CA GLY A 256 -0.89 -6.99 11.92
C GLY A 256 -0.04 -6.24 10.91
N ARG A 257 0.06 -6.80 9.70
CA ARG A 257 0.81 -6.16 8.63
C ARG A 257 -0.13 -5.40 7.71
N THR A 258 0.34 -4.30 7.15
CA THR A 258 -0.45 -3.52 6.22
C THR A 258 -0.13 -3.91 4.78
N VAL A 259 -1.15 -4.30 4.04
CA VAL A 259 -1.00 -4.61 2.62
C VAL A 259 -1.92 -3.69 1.82
N VAL A 260 -1.32 -2.88 0.96
CA VAL A 260 -2.08 -1.92 0.15
C VAL A 260 -2.27 -2.45 -1.26
N VAL A 261 -3.53 -2.59 -1.67
CA VAL A 261 -3.88 -3.17 -2.97
C VAL A 261 -4.44 -2.10 -3.91
N SER A 262 -3.85 -1.98 -5.10
CA SER A 262 -4.30 -0.98 -6.06
C SER A 262 -5.42 -1.52 -6.96
N ALA A 263 -5.44 -2.83 -7.15
CA ALA A 263 -6.46 -3.47 -7.98
C ALA A 263 -6.67 -4.92 -7.57
N GLY A 264 -7.91 -5.37 -7.61
CA GLY A 264 -8.22 -6.75 -7.24
C GLY A 264 -9.70 -6.99 -7.08
N ASP A 265 -10.07 -8.27 -6.97
CA ASP A 265 -11.46 -8.65 -6.75
C ASP A 265 -11.67 -9.00 -5.28
N VAL A 266 -12.62 -8.33 -4.66
CA VAL A 266 -12.88 -8.51 -3.24
C VAL A 266 -14.06 -9.46 -2.99
N VAL A 267 -13.84 -10.42 -2.11
CA VAL A 267 -14.92 -11.26 -1.62
C VAL A 267 -15.07 -11.03 -0.11
N HIS A 268 -16.27 -10.66 0.31
CA HIS A 268 -16.54 -10.44 1.72
C HIS A 268 -16.75 -11.78 2.43
N LEU A 269 -16.01 -11.99 3.51
CA LEU A 269 -16.09 -13.24 4.26
C LEU A 269 -16.87 -13.06 5.56
N ARG A 270 -17.34 -14.17 6.12
CA ARG A 270 -18.06 -14.15 7.39
C ARG A 270 -17.10 -13.97 8.56
N ASP B 7 39.94 -21.67 20.39
CA ASP B 7 38.89 -21.44 19.41
C ASP B 7 38.83 -19.98 18.99
N ARG B 8 37.69 -19.34 19.21
CA ARG B 8 37.51 -17.95 18.83
C ARG B 8 37.60 -17.03 20.05
N ASP B 9 37.92 -17.60 21.20
CA ASP B 9 38.07 -16.82 22.43
C ASP B 9 39.23 -15.84 22.32
N ARG B 10 40.28 -16.26 21.62
CA ARG B 10 41.47 -15.43 21.45
C ARG B 10 41.18 -14.22 20.57
N LEU B 11 40.13 -14.33 19.76
CA LEU B 11 39.77 -13.27 18.81
C LEU B 11 38.73 -12.33 19.40
N ARG B 12 38.43 -12.49 20.69
CA ARG B 12 37.39 -11.69 21.32
C ARG B 12 37.85 -10.96 22.58
N PRO B 13 38.72 -9.95 22.41
CA PRO B 13 39.04 -9.11 23.56
C PRO B 13 37.87 -8.19 23.90
N PRO B 14 37.77 -7.74 25.16
CA PRO B 14 36.67 -6.87 25.54
C PRO B 14 36.72 -5.52 24.83
N LEU B 15 35.61 -4.80 24.85
CA LEU B 15 35.56 -3.46 24.27
C LEU B 15 36.21 -2.45 25.20
N ASP B 16 36.86 -1.46 24.61
CA ASP B 16 37.49 -0.39 25.37
C ASP B 16 36.55 0.80 25.44
N GLU B 17 35.78 0.88 26.53
CA GLU B 17 34.82 1.95 26.73
C GLU B 17 35.49 3.32 26.75
N ARG B 18 36.63 3.40 27.45
CA ARG B 18 37.36 4.66 27.58
C ARG B 18 37.80 5.19 26.22
N SER B 19 38.33 4.30 25.39
CA SER B 19 38.81 4.68 24.06
CA SER B 19 38.81 4.66 24.06
C SER B 19 37.66 5.14 23.17
N LEU B 20 36.55 4.43 23.21
CA LEU B 20 35.37 4.78 22.42
C LEU B 20 34.86 6.17 22.79
N ARG B 21 34.85 6.47 24.09
CA ARG B 21 34.41 7.78 24.56
C ARG B 21 35.34 8.89 24.08
N ASP B 22 36.65 8.67 24.23
CA ASP B 22 37.63 9.66 23.82
C ASP B 22 37.54 9.97 22.32
N GLN B 23 37.28 8.94 21.53
CA GLN B 23 37.24 9.08 20.08
C GLN B 23 35.95 9.72 19.58
N LEU B 24 34.84 9.41 20.25
CA LEU B 24 33.51 9.74 19.71
C LEU B 24 32.75 10.83 20.45
N ILE B 25 32.74 10.76 21.78
CA ILE B 25 31.80 11.54 22.57
C ILE B 25 32.26 12.98 22.79
N GLY B 26 31.62 13.89 22.09
CA GLY B 26 31.98 15.29 22.14
C GLY B 26 33.16 15.60 21.24
N ALA B 27 33.64 14.58 20.53
CA ALA B 27 34.83 14.71 19.70
C ALA B 27 34.57 14.38 18.24
N GLY B 28 34.79 13.11 17.87
CA GLY B 28 34.64 12.66 16.50
C GLY B 28 33.22 12.43 16.05
N SER B 29 32.26 12.70 16.93
CA SER B 29 30.84 12.54 16.60
C SER B 29 29.95 13.43 17.44
N GLY B 30 28.66 13.43 17.12
CA GLY B 30 27.68 14.20 17.85
C GLY B 30 27.00 13.42 18.96
N TRP B 31 27.38 12.15 19.10
CA TRP B 31 26.89 11.34 20.22
C TRP B 31 27.35 11.96 21.53
N ARG B 32 26.47 11.98 22.52
CA ARG B 32 26.76 12.74 23.74
C ARG B 32 26.93 11.87 24.99
N GLN B 33 26.70 10.57 24.85
CA GLN B 33 26.89 9.63 25.94
C GLN B 33 27.10 8.22 25.41
N LEU B 34 28.07 7.51 26.00
CA LEU B 34 28.35 6.14 25.59
C LEU B 34 28.67 5.27 26.79
N ASP B 35 27.99 4.13 26.88
CA ASP B 35 28.21 3.18 27.94
C ASP B 35 28.37 1.77 27.38
N VAL B 36 29.32 1.01 27.92
CA VAL B 36 29.46 -0.39 27.60
C VAL B 36 29.11 -1.23 28.82
N VAL B 37 28.17 -2.15 28.66
CA VAL B 37 27.82 -3.05 29.74
C VAL B 37 28.24 -4.47 29.37
N ALA B 38 28.62 -5.24 30.39
CA ALA B 38 29.10 -6.61 30.16
C ALA B 38 27.96 -7.51 29.69
N GLN B 39 26.78 -7.33 30.29
CA GLN B 39 25.66 -8.20 29.99
C GLN B 39 24.33 -7.54 30.34
N THR B 40 23.35 -7.69 29.46
CA THR B 40 22.00 -7.20 29.71
C THR B 40 20.99 -8.04 28.94
N GLY B 41 19.71 -7.79 29.20
CA GLY B 41 18.65 -8.49 28.48
C GLY B 41 18.59 -8.01 27.04
N SER B 42 18.32 -6.71 26.88
CA SER B 42 18.26 -6.11 25.55
C SER B 42 18.64 -4.63 25.63
N THR B 43 19.57 -4.20 24.79
CA THR B 43 20.00 -2.81 24.77
C THR B 43 18.86 -1.90 24.30
N ASN B 44 18.02 -2.42 23.42
CA ASN B 44 16.84 -1.69 22.99
C ASN B 44 15.90 -1.49 24.16
N ALA B 45 15.66 -2.56 24.91
CA ALA B 45 14.79 -2.50 26.08
C ALA B 45 15.32 -1.52 27.12
N ASP B 46 16.63 -1.50 27.30
CA ASP B 46 17.25 -0.66 28.31
C ASP B 46 17.09 0.83 28.00
N LEU B 47 17.35 1.21 26.75
CA LEU B 47 17.19 2.62 26.35
C LEU B 47 15.72 3.02 26.36
N LEU B 48 14.85 2.09 26.01
CA LEU B 48 13.41 2.34 26.06
C LEU B 48 12.98 2.63 27.49
N ALA B 49 13.54 1.89 28.43
CA ALA B 49 13.23 2.04 29.85
C ALA B 49 13.70 3.40 30.37
N ARG B 50 14.84 3.87 29.87
CA ARG B 50 15.35 5.17 30.26
C ARG B 50 14.42 6.29 29.82
N ALA B 51 13.93 6.20 28.58
CA ALA B 51 13.01 7.19 28.06
C ALA B 51 11.71 7.18 28.83
N ALA B 52 11.28 5.99 29.25
CA ALA B 52 10.04 5.84 30.01
C ALA B 52 10.18 6.47 31.40
N SER B 53 11.39 6.44 31.95
CA SER B 53 11.64 6.99 33.28
C SER B 53 11.68 8.52 33.24
N GLY B 54 11.82 9.09 32.04
CA GLY B 54 11.81 10.52 31.87
C GLY B 54 13.15 11.08 31.42
N ALA B 55 14.10 10.20 31.15
CA ALA B 55 15.43 10.62 30.72
C ALA B 55 15.47 10.85 29.21
N ASP B 56 16.18 11.90 28.80
CA ASP B 56 16.34 12.20 27.39
C ASP B 56 17.44 11.31 26.80
N ILE B 57 17.08 10.50 25.80
CA ILE B 57 18.02 9.54 25.24
C ILE B 57 18.53 9.92 23.86
N ASP B 58 18.20 11.12 23.40
CA ASP B 58 18.71 11.58 22.10
C ASP B 58 20.23 11.70 22.15
N GLY B 59 20.90 11.00 21.24
CA GLY B 59 22.34 11.05 21.15
C GLY B 59 23.04 10.13 22.15
N VAL B 60 22.27 9.26 22.79
CA VAL B 60 22.80 8.34 23.78
C VAL B 60 23.10 6.97 23.17
N VAL B 61 24.28 6.43 23.49
CA VAL B 61 24.72 5.15 22.94
C VAL B 61 24.88 4.10 24.03
N LEU B 62 24.31 2.92 23.82
CA LEU B 62 24.46 1.81 24.75
C LEU B 62 24.95 0.57 24.03
N ILE B 63 26.07 0.03 24.49
CA ILE B 63 26.67 -1.16 23.88
C ILE B 63 26.78 -2.28 24.90
N ALA B 64 26.42 -3.50 24.50
CA ALA B 64 26.52 -4.65 25.39
C ALA B 64 27.48 -5.71 24.84
N GLU B 65 28.34 -6.21 25.71
CA GLU B 65 29.25 -7.28 25.34
C GLU B 65 28.47 -8.56 25.08
N HIS B 66 27.41 -8.76 25.87
CA HIS B 66 26.56 -9.93 25.72
C HIS B 66 25.08 -9.56 25.91
N GLN B 67 24.22 -10.22 25.15
CA GLN B 67 22.80 -9.94 25.19
C GLN B 67 22.04 -11.25 25.28
N THR B 68 21.27 -11.41 26.35
CA THR B 68 20.64 -12.69 26.63
C THR B 68 19.17 -12.74 26.23
N ALA B 69 18.49 -11.60 26.27
CA ALA B 69 17.08 -11.52 25.89
C ALA B 69 16.90 -10.66 24.65
N GLY B 70 17.71 -10.92 23.63
CA GLY B 70 17.73 -10.11 22.42
C GLY B 70 16.41 -10.04 21.70
N ARG B 71 16.16 -8.89 21.08
CA ARG B 71 14.92 -8.65 20.36
C ARG B 71 15.11 -8.61 18.86
N GLY B 72 14.31 -9.39 18.15
CA GLY B 72 14.22 -9.31 16.70
C GLY B 72 12.90 -8.64 16.36
N ARG B 73 12.61 -8.50 15.07
CA ARG B 73 11.36 -7.87 14.68
C ARG B 73 10.22 -8.89 14.72
N HIS B 74 9.00 -8.37 14.89
CA HIS B 74 7.79 -9.18 14.88
C HIS B 74 7.81 -10.26 15.98
N GLY B 75 8.32 -9.89 17.15
CA GLY B 75 8.32 -10.79 18.29
C GLY B 75 9.42 -11.84 18.26
N ARG B 76 10.20 -11.85 17.19
CA ARG B 76 11.31 -12.79 17.11
C ARG B 76 12.43 -12.36 18.03
N GLY B 77 13.43 -13.21 18.18
CA GLY B 77 14.54 -12.93 19.07
C GLY B 77 15.81 -12.62 18.32
N TRP B 78 16.85 -12.29 19.08
CA TRP B 78 18.19 -12.11 18.52
C TRP B 78 19.19 -12.80 19.43
N ALA B 79 19.94 -13.74 18.85
CA ALA B 79 20.88 -14.53 19.64
C ALA B 79 22.30 -14.00 19.50
N ALA B 80 23.11 -14.21 20.54
CA ALA B 80 24.47 -13.72 20.54
C ALA B 80 25.36 -14.49 21.50
N THR B 81 26.62 -14.67 21.10
CA THR B 81 27.65 -15.16 22.01
C THR B 81 28.39 -13.95 22.55
N ALA B 82 28.82 -14.03 23.82
CA ALA B 82 29.52 -12.91 24.46
C ALA B 82 30.73 -12.47 23.65
N ARG B 83 30.82 -11.15 23.43
CA ARG B 83 31.94 -10.50 22.74
C ARG B 83 32.11 -10.93 21.28
N ALA B 84 31.10 -11.62 20.73
CA ALA B 84 31.17 -12.09 19.35
C ALA B 84 30.51 -11.10 18.38
N GLN B 85 29.77 -10.15 18.92
CA GLN B 85 29.07 -9.16 18.10
C GLN B 85 29.33 -7.74 18.56
N ILE B 86 29.01 -6.80 17.68
CA ILE B 86 28.80 -5.42 18.09
C ILE B 86 27.30 -5.27 18.33
N ILE B 87 26.94 -5.14 19.60
CA ILE B 87 25.55 -5.08 20.02
C ILE B 87 25.25 -3.71 20.61
N LEU B 88 24.55 -2.86 19.87
CA LEU B 88 24.32 -1.51 20.37
C LEU B 88 22.96 -0.93 20.01
N SER B 89 22.54 0.03 20.84
CA SER B 89 21.33 0.80 20.57
C SER B 89 21.66 2.27 20.71
N VAL B 90 21.01 3.10 19.89
CA VAL B 90 21.18 4.54 20.00
C VAL B 90 19.82 5.20 20.10
N GLY B 91 19.76 6.33 20.79
CA GLY B 91 18.53 7.09 20.92
C GLY B 91 18.46 8.24 19.92
N VAL B 92 17.31 8.39 19.28
CA VAL B 92 17.11 9.41 18.28
C VAL B 92 15.80 10.15 18.48
N ARG B 93 15.88 11.47 18.69
CA ARG B 93 14.68 12.29 18.76
C ARG B 93 14.07 12.43 17.36
N VAL B 94 12.80 12.08 17.23
CA VAL B 94 12.17 12.02 15.92
C VAL B 94 10.89 12.85 15.80
N VAL B 95 10.49 13.47 16.92
CA VAL B 95 9.19 14.13 17.00
C VAL B 95 9.07 15.31 16.01
N ASP B 96 10.21 15.89 15.62
CA ASP B 96 10.21 17.01 14.70
C ASP B 96 10.29 16.56 13.24
N VAL B 97 10.22 15.25 13.04
CA VAL B 97 10.20 14.64 11.71
C VAL B 97 8.83 13.98 11.47
N PRO B 98 8.23 14.21 10.29
CA PRO B 98 6.94 13.60 9.93
C PRO B 98 6.89 12.11 10.23
N VAL B 99 5.83 11.68 10.89
CA VAL B 99 5.71 10.31 11.42
C VAL B 99 5.90 9.24 10.35
N GLN B 100 5.39 9.48 9.16
CA GLN B 100 5.47 8.49 8.10
C GLN B 100 6.91 8.23 7.67
N ALA B 101 7.80 9.19 7.89
CA ALA B 101 9.19 9.04 7.48
C ALA B 101 10.01 8.21 8.47
N TRP B 102 9.43 7.91 9.63
CA TRP B 102 10.14 7.20 10.68
C TRP B 102 10.57 5.79 10.24
N GLY B 103 9.82 5.23 9.29
CA GLY B 103 10.11 3.90 8.78
C GLY B 103 11.43 3.80 8.03
N TRP B 104 12.03 4.95 7.73
CA TRP B 104 13.28 4.99 6.98
C TRP B 104 14.51 4.97 7.87
N LEU B 105 14.32 5.07 9.18
CA LEU B 105 15.45 5.05 10.10
C LEU B 105 16.17 3.71 10.11
N SER B 106 15.39 2.62 10.16
CA SER B 106 15.98 1.28 10.14
C SER B 106 16.73 1.03 8.84
N LEU B 107 16.17 1.54 7.74
CA LEU B 107 16.80 1.37 6.43
C LEU B 107 18.11 2.16 6.37
N ALA B 108 18.10 3.34 6.97
CA ALA B 108 19.28 4.19 7.04
C ALA B 108 20.38 3.51 7.86
N ALA B 109 19.99 2.88 8.96
CA ALA B 109 20.94 2.18 9.82
C ALA B 109 21.61 1.03 9.07
N GLY B 110 20.83 0.36 8.21
CA GLY B 110 21.35 -0.73 7.40
C GLY B 110 22.47 -0.27 6.47
N LEU B 111 22.27 0.91 5.87
CA LEU B 111 23.28 1.52 5.03
C LEU B 111 24.55 1.83 5.82
N ALA B 112 24.36 2.35 7.04
CA ALA B 112 25.48 2.69 7.91
C ALA B 112 26.31 1.46 8.24
N VAL B 113 25.64 0.36 8.52
CA VAL B 113 26.33 -0.90 8.82
C VAL B 113 27.13 -1.36 7.61
N LEU B 114 26.49 -1.36 6.44
CA LEU B 114 27.12 -1.79 5.21
C LEU B 114 28.38 -0.97 4.91
N ASP B 115 28.31 0.34 5.15
CA ASP B 115 29.44 1.22 4.89
C ASP B 115 30.56 1.05 5.91
N SER B 116 30.21 0.68 7.14
CA SER B 116 31.19 0.56 8.21
C SER B 116 32.11 -0.66 8.01
N VAL B 117 31.58 -1.70 7.37
CA VAL B 117 32.34 -2.92 7.18
C VAL B 117 32.92 -3.01 5.77
N ALA B 118 32.72 -1.95 4.99
CA ALA B 118 33.20 -1.90 3.61
C ALA B 118 34.73 -2.00 3.47
N PRO B 119 35.51 -1.29 4.30
CA PRO B 119 36.96 -1.43 4.12
C PRO B 119 37.53 -2.76 4.64
N LEU B 120 36.66 -3.66 5.09
CA LEU B 120 37.11 -4.92 5.69
C LEU B 120 36.84 -6.11 4.79
N ILE B 121 35.60 -6.24 4.34
CA ILE B 121 35.16 -7.40 3.56
C ILE B 121 35.73 -7.37 2.14
N ALA B 122 36.18 -8.53 1.67
CA ALA B 122 36.82 -8.63 0.36
C ALA B 122 35.87 -9.16 -0.71
N VAL B 123 34.69 -8.53 -0.82
CA VAL B 123 33.74 -8.79 -1.91
C VAL B 123 33.12 -10.20 -1.84
N PRO B 124 31.79 -10.28 -2.04
CA PRO B 124 31.10 -11.58 -2.07
C PRO B 124 31.66 -12.51 -3.14
N GLU B 127 26.51 -11.21 -3.46
CA GLU B 127 25.30 -11.09 -2.65
C GLU B 127 25.55 -10.27 -1.40
N THR B 128 26.19 -9.12 -1.58
CA THR B 128 26.44 -8.20 -0.47
C THR B 128 25.68 -6.90 -0.65
N GLY B 129 24.84 -6.58 0.33
CA GLY B 129 24.00 -5.40 0.26
C GLY B 129 22.89 -5.46 1.29
N LEU B 130 21.78 -4.78 1.00
CA LEU B 130 20.68 -4.68 1.95
C LEU B 130 19.45 -5.47 1.50
N LYS B 131 18.93 -6.30 2.41
CA LYS B 131 17.69 -7.01 2.15
C LYS B 131 16.58 -6.41 2.99
N TRP B 132 15.56 -5.88 2.32
CA TRP B 132 14.44 -5.24 2.99
C TRP B 132 13.70 -6.22 3.92
N PRO B 133 13.33 -5.77 5.13
CA PRO B 133 13.56 -4.43 5.69
C PRO B 133 14.54 -4.37 6.86
N ASN B 134 15.09 -5.51 7.29
CA ASN B 134 15.86 -5.54 8.52
C ASN B 134 17.29 -6.07 8.38
N ASP B 135 17.69 -6.44 7.17
CA ASP B 135 18.91 -7.25 7.00
C ASP B 135 20.06 -6.58 6.24
N VAL B 136 21.27 -6.86 6.70
CA VAL B 136 22.48 -6.59 5.94
C VAL B 136 23.07 -7.93 5.53
N LEU B 137 23.22 -8.15 4.23
CA LEU B 137 23.68 -9.43 3.72
C LEU B 137 25.09 -9.37 3.15
N ALA B 138 25.83 -10.45 3.34
CA ALA B 138 27.14 -10.61 2.73
C ALA B 138 27.32 -12.07 2.32
N ARG B 139 27.57 -12.29 1.03
CA ARG B 139 27.68 -13.64 0.48
C ARG B 139 26.41 -14.45 0.78
N GLY B 140 25.27 -13.76 0.75
CA GLY B 140 23.99 -14.40 0.97
C GLY B 140 23.63 -14.64 2.42
N GLY B 141 24.59 -14.44 3.32
CA GLY B 141 24.37 -14.66 4.73
C GLY B 141 24.00 -13.39 5.48
N LYS B 142 23.26 -13.53 6.57
CA LYS B 142 22.85 -12.37 7.36
C LYS B 142 24.00 -11.90 8.27
N LEU B 143 24.58 -10.77 7.91
CA LEU B 143 25.72 -10.23 8.64
C LEU B 143 25.29 -9.35 9.81
N ALA B 144 24.13 -8.72 9.68
CA ALA B 144 23.62 -7.82 10.71
C ALA B 144 22.11 -7.69 10.67
N GLY B 145 21.52 -7.47 11.84
CA GLY B 145 20.08 -7.23 11.96
C GLY B 145 19.82 -5.89 12.61
N ILE B 146 18.78 -5.20 12.14
CA ILE B 146 18.47 -3.87 12.63
C ILE B 146 17.02 -3.80 13.11
N LEU B 147 16.82 -3.18 14.28
CA LEU B 147 15.50 -3.06 14.88
C LEU B 147 15.28 -1.66 15.45
N ALA B 148 14.27 -0.97 14.91
CA ALA B 148 13.90 0.34 15.42
C ALA B 148 12.59 0.23 16.21
N GLU B 149 12.58 0.78 17.42
CA GLU B 149 11.39 0.76 18.26
C GLU B 149 10.99 2.18 18.67
N VAL B 150 9.69 2.46 18.64
CA VAL B 150 9.20 3.80 18.88
C VAL B 150 8.84 4.05 20.35
N ALA B 151 9.41 5.12 20.90
CA ALA B 151 9.04 5.62 22.21
C ALA B 151 9.07 7.14 22.17
N GLN B 152 7.99 7.73 21.66
CA GLN B 152 7.90 9.17 21.44
C GLN B 152 8.31 9.95 22.68
N PRO B 153 9.09 11.03 22.48
CA PRO B 153 9.49 11.59 21.18
C PRO B 153 10.71 10.93 20.54
N PHE B 154 11.05 9.71 20.95
CA PHE B 154 12.26 9.07 20.46
C PHE B 154 12.00 7.82 19.63
N VAL B 155 13.02 7.43 18.86
CA VAL B 155 13.11 6.09 18.30
C VAL B 155 14.39 5.47 18.86
N VAL B 156 14.29 4.25 19.36
CA VAL B 156 15.47 3.50 19.77
C VAL B 156 15.92 2.60 18.62
N LEU B 157 17.12 2.87 18.12
CA LEU B 157 17.64 2.19 16.94
C LEU B 157 18.71 1.17 17.32
N GLY B 158 18.42 -0.11 17.09
CA GLY B 158 19.29 -1.18 17.53
C GLY B 158 19.98 -1.92 16.40
N VAL B 159 21.27 -2.21 16.60
CA VAL B 159 22.07 -2.93 15.61
C VAL B 159 22.79 -4.13 16.23
N GLY B 160 22.61 -5.29 15.62
CA GLY B 160 23.37 -6.47 15.97
C GLY B 160 24.24 -6.89 14.80
N LEU B 161 25.54 -6.70 14.94
CA LEU B 161 26.49 -6.98 13.87
C LEU B 161 27.40 -8.16 14.21
N ASN B 162 27.32 -9.23 13.42
CA ASN B 162 28.15 -10.42 13.67
C ASN B 162 29.62 -10.18 13.31
N VAL B 163 30.48 -10.18 14.31
CA VAL B 163 31.90 -9.91 14.10
C VAL B 163 32.68 -11.22 14.03
N THR B 164 32.63 -11.99 15.11
CA THR B 164 33.24 -13.32 15.15
C THR B 164 32.20 -14.37 15.47
N GLN B 165 30.93 -13.98 15.37
CA GLN B 165 29.82 -14.84 15.73
C GLN B 165 29.74 -16.08 14.85
N ALA B 166 29.75 -17.24 15.50
CA ALA B 166 29.58 -18.50 14.80
C ALA B 166 28.11 -18.72 14.47
N PRO B 167 27.80 -18.98 13.19
CA PRO B 167 26.42 -19.19 12.73
C PRO B 167 25.75 -20.36 13.42
N GLU B 168 26.53 -21.35 13.84
CA GLU B 168 25.98 -22.52 14.52
C GLU B 168 25.35 -22.14 15.86
N GLU B 169 25.71 -20.98 16.39
CA GLU B 169 25.24 -20.57 17.70
C GLU B 169 24.10 -19.56 17.63
N VAL B 170 23.76 -19.10 16.43
CA VAL B 170 22.70 -18.10 16.28
C VAL B 170 21.65 -18.47 15.22
N ASP B 171 22.13 -18.81 14.03
CA ASP B 171 21.25 -19.14 12.91
C ASP B 171 22.11 -19.65 11.76
N PRO B 172 21.70 -20.77 11.15
CA PRO B 172 22.51 -21.40 10.10
C PRO B 172 22.61 -20.55 8.83
N ASP B 173 21.80 -19.49 8.75
CA ASP B 173 21.83 -18.60 7.60
C ASP B 173 22.64 -17.34 7.91
N ALA B 174 23.24 -17.31 9.10
CA ALA B 174 24.03 -16.16 9.53
C ALA B 174 25.44 -16.22 8.96
N THR B 175 26.11 -15.07 8.99
CA THR B 175 27.52 -14.99 8.65
C THR B 175 28.16 -13.94 9.54
N SER B 176 29.48 -13.91 9.56
CA SER B 176 30.20 -12.92 10.36
C SER B 176 31.39 -12.38 9.58
N LEU B 177 31.98 -11.30 10.08
CA LEU B 177 33.17 -10.73 9.46
C LEU B 177 34.30 -11.76 9.42
N LEU B 178 34.45 -12.50 10.52
CA LEU B 178 35.48 -13.53 10.61
C LEU B 178 35.26 -14.62 9.57
N ASP B 179 34.02 -15.07 9.44
CA ASP B 179 33.69 -16.12 8.48
C ASP B 179 33.76 -15.62 7.04
N LEU B 180 33.80 -14.30 6.87
CA LEU B 180 33.89 -13.70 5.55
C LEU B 180 35.33 -13.45 5.12
N GLY B 181 36.28 -13.76 6.00
CA GLY B 181 37.69 -13.67 5.65
C GLY B 181 38.50 -12.64 6.40
N VAL B 182 37.87 -11.88 7.28
CA VAL B 182 38.59 -10.92 8.10
C VAL B 182 39.34 -11.65 9.20
N ALA B 183 40.67 -11.62 9.13
CA ALA B 183 41.53 -12.39 10.01
C ALA B 183 41.29 -12.11 11.49
N ALA B 184 41.58 -10.88 11.92
CA ALA B 184 41.39 -10.50 13.30
C ALA B 184 40.64 -9.17 13.38
N PRO B 185 39.30 -9.24 13.36
CA PRO B 185 38.45 -8.05 13.39
C PRO B 185 38.63 -7.25 14.67
N ASP B 186 38.80 -5.94 14.54
CA ASP B 186 38.93 -5.05 15.68
C ASP B 186 37.58 -4.45 16.02
N ARG B 187 36.92 -4.98 17.04
CA ARG B 187 35.57 -4.53 17.38
C ARG B 187 35.54 -3.05 17.76
N ASN B 188 36.57 -2.58 18.46
CA ASN B 188 36.62 -1.17 18.85
C ASN B 188 36.68 -0.24 17.65
N ARG B 189 37.50 -0.59 16.66
CA ARG B 189 37.63 0.22 15.45
C ARG B 189 36.36 0.17 14.60
N ILE B 190 35.77 -1.02 14.51
CA ILE B 190 34.55 -1.20 13.74
C ILE B 190 33.37 -0.45 14.38
N ALA B 191 33.26 -0.57 15.70
CA ALA B 191 32.20 0.12 16.44
C ALA B 191 32.32 1.63 16.30
N SER B 192 33.55 2.12 16.36
CA SER B 192 33.80 3.55 16.24
C SER B 192 33.36 4.06 14.87
N ARG B 193 33.71 3.31 13.83
CA ARG B 193 33.35 3.68 12.47
C ARG B 193 31.85 3.57 12.28
N LEU B 194 31.25 2.51 12.82
CA LEU B 194 29.81 2.29 12.71
C LEU B 194 29.02 3.46 13.31
N LEU B 195 29.46 3.94 14.47
CA LEU B 195 28.76 5.03 15.13
C LEU B 195 28.89 6.35 14.35
N ARG B 196 30.02 6.55 13.69
CA ARG B 196 30.18 7.73 12.84
C ARG B 196 29.27 7.63 11.61
N GLU B 197 29.20 6.44 11.03
CA GLU B 197 28.35 6.20 9.86
C GLU B 197 26.88 6.32 10.23
N LEU B 198 26.54 5.83 11.43
CA LEU B 198 25.17 5.95 11.92
C LEU B 198 24.76 7.41 12.05
N GLU B 199 25.62 8.23 12.65
CA GLU B 199 25.32 9.65 12.79
C GLU B 199 25.06 10.29 11.43
N ALA B 200 25.91 9.96 10.45
CA ALA B 200 25.80 10.55 9.12
C ALA B 200 24.48 10.20 8.46
N ARG B 201 24.05 8.95 8.59
CA ARG B 201 22.81 8.49 7.97
C ARG B 201 21.58 9.04 8.70
N ILE B 202 21.68 9.19 10.01
CA ILE B 202 20.59 9.76 10.78
C ILE B 202 20.40 11.23 10.43
N ILE B 203 21.51 11.95 10.29
CA ILE B 203 21.46 13.35 9.86
C ILE B 203 20.87 13.45 8.46
N GLN B 204 21.29 12.54 7.59
CA GLN B 204 20.75 12.45 6.23
C GLN B 204 19.24 12.21 6.27
N TRP B 205 18.81 11.40 7.23
CA TRP B 205 17.40 11.08 7.37
C TRP B 205 16.56 12.27 7.87
N ARG B 206 17.03 12.91 8.95
CA ARG B 206 16.23 13.93 9.62
C ARG B 206 16.22 15.25 8.84
N ASN B 207 17.25 15.49 8.05
CA ASN B 207 17.31 16.69 7.21
C ASN B 207 16.65 16.45 5.86
N ALA B 208 16.01 15.29 5.74
CA ALA B 208 15.35 14.87 4.50
C ALA B 208 16.32 14.94 3.32
N ASN B 209 17.58 14.61 3.56
CA ASN B 209 18.58 14.57 2.51
C ASN B 209 18.18 13.51 1.48
N PRO B 210 17.88 13.96 0.25
CA PRO B 210 17.26 13.20 -0.83
C PRO B 210 17.92 11.86 -1.15
N GLN B 211 19.22 11.76 -0.93
CA GLN B 211 19.98 10.60 -1.41
C GLN B 211 19.73 9.33 -0.61
N LEU B 212 19.26 9.46 0.63
CA LEU B 212 19.06 8.30 1.51
C LEU B 212 18.26 7.19 0.84
N ALA B 213 17.12 7.56 0.26
CA ALA B 213 16.27 6.60 -0.44
C ALA B 213 16.98 6.07 -1.69
N ALA B 214 17.68 6.96 -2.39
CA ALA B 214 18.41 6.59 -3.59
C ALA B 214 19.60 5.70 -3.27
N ASP B 215 20.35 6.08 -2.23
CA ASP B 215 21.50 5.31 -1.80
C ASP B 215 21.09 3.91 -1.35
N TYR B 216 19.94 3.82 -0.70
CA TYR B 216 19.45 2.53 -0.23
C TYR B 216 19.13 1.60 -1.40
N ARG B 217 18.37 2.10 -2.36
CA ARG B 217 17.97 1.28 -3.50
C ARG B 217 19.16 0.88 -4.35
N ALA B 218 20.23 1.67 -4.31
CA ALA B 218 21.45 1.36 -5.04
C ALA B 218 22.15 0.14 -4.45
N ARG B 219 22.12 0.02 -3.13
CA ARG B 219 22.76 -1.11 -2.45
C ARG B 219 21.75 -2.19 -2.08
N SER B 220 20.51 -2.02 -2.54
CA SER B 220 19.45 -2.99 -2.24
C SER B 220 19.60 -4.26 -3.05
N LEU B 221 19.54 -5.41 -2.38
CA LEU B 221 19.53 -6.70 -3.05
C LEU B 221 18.11 -7.12 -3.39
N THR B 222 17.14 -6.37 -2.88
CA THR B 222 15.74 -6.69 -3.06
C THR B 222 15.15 -6.02 -4.28
N ILE B 223 15.43 -4.73 -4.45
CA ILE B 223 14.92 -3.96 -5.58
C ILE B 223 15.35 -4.56 -6.91
N GLY B 224 14.39 -4.83 -7.79
CA GLY B 224 14.68 -5.39 -9.09
C GLY B 224 14.50 -6.89 -9.15
N SER B 225 14.46 -7.53 -7.99
CA SER B 225 14.33 -8.98 -7.92
C SER B 225 12.89 -9.43 -7.79
N ARG B 226 12.58 -10.59 -8.35
CA ARG B 226 11.32 -11.25 -8.03
C ARG B 226 11.44 -11.77 -6.62
N VAL B 227 10.51 -11.38 -5.75
CA VAL B 227 10.61 -11.75 -4.35
C VAL B 227 9.32 -12.40 -3.84
N ARG B 228 9.46 -13.17 -2.77
CA ARG B 228 8.33 -13.72 -2.05
C ARG B 228 8.28 -13.06 -0.68
N VAL B 229 7.22 -12.30 -0.41
CA VAL B 229 7.08 -11.65 0.88
C VAL B 229 6.17 -12.47 1.78
N GLU B 230 6.71 -12.99 2.87
CA GLU B 230 5.95 -13.81 3.80
C GLU B 230 5.20 -12.96 4.81
N LEU B 231 3.90 -13.25 4.98
CA LEU B 231 3.07 -12.54 5.95
C LEU B 231 2.39 -13.56 6.87
N PRO B 232 1.98 -13.13 8.07
CA PRO B 232 1.31 -14.02 9.04
C PRO B 232 0.11 -14.77 8.45
N GLY B 233 -0.21 -15.92 9.05
CA GLY B 233 -1.34 -16.72 8.62
C GLY B 233 -1.08 -17.46 7.31
N GLY B 234 0.19 -17.66 6.99
CA GLY B 234 0.58 -18.36 5.78
C GLY B 234 0.28 -17.57 4.52
N GLN B 235 0.02 -16.27 4.68
CA GLN B 235 -0.24 -15.40 3.56
C GLN B 235 1.07 -14.93 2.92
N ASP B 236 1.34 -15.36 1.70
CA ASP B 236 2.55 -14.95 1.00
C ASP B 236 2.21 -14.26 -0.32
N VAL B 237 2.93 -13.18 -0.62
CA VAL B 237 2.72 -12.43 -1.86
C VAL B 237 3.99 -12.40 -2.69
N VAL B 238 3.88 -12.81 -3.96
CA VAL B 238 5.02 -12.82 -4.87
C VAL B 238 4.89 -11.71 -5.91
N GLY B 239 5.98 -10.97 -6.12
CA GLY B 239 6.00 -9.90 -7.11
C GLY B 239 7.40 -9.39 -7.36
N ILE B 240 7.52 -8.44 -8.28
CA ILE B 240 8.81 -7.80 -8.53
C ILE B 240 8.96 -6.59 -7.64
N ALA B 241 10.01 -6.56 -6.82
CA ALA B 241 10.27 -5.41 -5.96
C ALA B 241 10.71 -4.21 -6.82
N ARG B 242 9.88 -3.17 -6.85
CA ARG B 242 10.11 -2.04 -7.74
C ARG B 242 10.64 -0.80 -7.01
N ASP B 243 10.20 -0.61 -5.77
CA ASP B 243 10.54 0.60 -5.04
C ASP B 243 10.28 0.49 -3.54
N ILE B 244 10.82 1.45 -2.79
CA ILE B 244 10.48 1.65 -1.39
C ILE B 244 9.83 3.02 -1.24
N ASP B 245 8.60 3.07 -0.72
CA ASP B 245 7.87 4.34 -0.66
C ASP B 245 8.37 5.22 0.48
N ASP B 246 7.67 6.33 0.71
CA ASP B 246 8.08 7.32 1.70
C ASP B 246 7.96 6.83 3.14
N GLN B 247 7.22 5.74 3.35
CA GLN B 247 7.05 5.18 4.69
C GLN B 247 8.03 4.04 4.93
N GLY B 248 8.88 3.77 3.94
CA GLY B 248 9.84 2.68 4.02
C GLY B 248 9.22 1.33 3.71
N ARG B 249 8.09 1.33 2.99
CA ARG B 249 7.38 0.11 2.67
C ARG B 249 7.74 -0.42 1.29
N LEU B 250 7.65 -1.73 1.11
CA LEU B 250 8.05 -2.35 -0.15
C LEU B 250 6.95 -2.30 -1.20
N CYS B 251 7.28 -1.72 -2.36
CA CYS B 251 6.33 -1.62 -3.47
C CYS B 251 6.57 -2.73 -4.48
N LEU B 252 5.61 -3.63 -4.60
CA LEU B 252 5.72 -4.80 -5.48
C LEU B 252 4.93 -4.63 -6.77
N ASP B 253 5.51 -5.10 -7.87
CA ASP B 253 4.77 -5.28 -9.10
C ASP B 253 4.13 -6.65 -9.10
N VAL B 254 2.81 -6.70 -8.92
CA VAL B 254 2.08 -7.95 -8.90
C VAL B 254 1.06 -8.00 -10.04
N GLY B 255 1.36 -8.82 -11.05
CA GLY B 255 0.48 -8.96 -12.20
C GLY B 255 0.28 -7.66 -12.96
N GLY B 256 1.24 -6.74 -12.84
CA GLY B 256 1.19 -5.49 -13.56
C GLY B 256 0.66 -4.32 -12.75
N ARG B 257 0.26 -4.60 -11.50
CA ARG B 257 -0.26 -3.55 -10.63
C ARG B 257 0.51 -3.52 -9.31
N THR B 258 0.47 -2.36 -8.63
CA THR B 258 1.25 -2.17 -7.42
C THR B 258 0.58 -2.72 -6.17
N VAL B 259 1.34 -3.51 -5.41
CA VAL B 259 0.95 -3.92 -4.07
C VAL B 259 2.02 -3.44 -3.10
N VAL B 260 1.60 -2.78 -2.02
CA VAL B 260 2.54 -2.26 -1.05
C VAL B 260 2.46 -3.05 0.25
N VAL B 261 3.62 -3.44 0.76
CA VAL B 261 3.70 -4.20 2.01
C VAL B 261 4.51 -3.43 3.05
N SER B 262 3.96 -3.27 4.25
CA SER B 262 4.59 -2.47 5.29
C SER B 262 5.81 -3.15 5.88
N ALA B 263 5.68 -4.44 6.17
CA ALA B 263 6.76 -5.21 6.78
C ALA B 263 6.52 -6.70 6.61
N GLY B 264 7.58 -7.43 6.29
CA GLY B 264 7.49 -8.86 6.13
C GLY B 264 8.83 -9.49 5.85
N ASP B 265 8.87 -10.82 5.86
CA ASP B 265 10.10 -11.56 5.57
C ASP B 265 10.23 -11.78 4.07
N VAL B 266 11.33 -11.30 3.50
CA VAL B 266 11.54 -11.38 2.06
C VAL B 266 12.44 -12.54 1.66
N VAL B 267 11.99 -13.33 0.70
CA VAL B 267 12.84 -14.34 0.08
C VAL B 267 13.12 -13.93 -1.36
N HIS B 268 14.40 -13.77 -1.69
CA HIS B 268 14.80 -13.43 -3.05
C HIS B 268 14.69 -14.66 -3.94
N LEU B 269 13.78 -14.61 -4.91
CA LEU B 269 13.57 -15.74 -5.80
C LEU B 269 14.56 -15.72 -6.97
N ARG B 270 15.81 -16.06 -6.66
CA ARG B 270 16.87 -16.11 -7.65
C ARG B 270 18.07 -16.87 -7.10
C2 44N C . -24.05 -8.18 -12.73
C5 44N C . -23.25 -8.49 -15.29
C4 44N C . -22.50 -9.01 -14.26
N3 44N C . -22.93 -8.85 -12.99
C8 44N C . -21.50 -9.49 -16.11
N1 44N C . -24.79 -7.66 -13.71
C6 44N C . -24.42 -7.80 -15.00
CBI 44N C . -19.12 -0.29 -19.03
NAU 44N C . -18.49 -1.33 -19.83
CBA 44N C . -18.67 -1.12 -21.13
OAC 44N C . -18.39 -1.92 -22.02
NAT 44N C . -19.25 0.06 -21.33
CBF 44N C . -19.77 0.60 -20.10
CAO 44N C . -21.28 0.49 -20.13
SAY 44N C . -21.65 -0.81 -19.01
CBH 44N C . -20.17 -0.85 -18.07
CAK 44N C . -19.77 -2.23 -17.56
CAI 44N C . -18.71 -2.06 -16.47
CAH 44N C . -18.52 -3.35 -15.68
CAJ 44N C . -17.35 -3.24 -14.70
CAZ 44N C . -17.30 -4.47 -13.85
OAB 44N C . -18.15 -4.68 -13.00
NAV 44N C . -16.29 -5.31 -14.09
SBK 44N C . -16.00 -6.55 -13.12
OAD 44N C . -15.89 -6.09 -11.76
OAE 44N C . -14.76 -7.17 -13.49
OAW 44N C . -17.13 -7.58 -13.18
CAN 44N C . -17.52 -8.22 -14.39
CBE 44N C . -18.19 -9.53 -13.97
OAX 44N C . -19.51 -9.29 -13.48
CAL 44N C . -18.33 -10.56 -15.08
OAL 44N C . -17.16 -11.37 -15.16
CAM 44N C . -19.51 -11.37 -14.58
OAM 44N C . -19.04 -12.20 -13.51
C8Q 44N C . -20.12 -12.27 -15.64
CBG 44N C . -20.41 -10.32 -13.94
N9 44N C . -21.44 -9.64 -14.78
N7 44N C . -22.62 -8.79 -16.45
N6 44N C . -25.19 -7.26 -15.99
C2 44N D . 21.96 -13.72 12.21
C5 44N D . 20.95 -13.86 14.72
C4 44N D . 20.17 -14.17 13.62
N3 44N D . 20.69 -14.11 12.38
C8 44N D . 18.95 -14.41 15.40
N1 44N D . 22.74 -13.41 13.26
C6 44N D . 22.27 -13.48 14.52
CBI 44N D . 18.73 -5.03 18.71
NAU 44N D . 17.84 -5.93 19.41
CBA 44N D . 17.97 -5.83 20.73
OAC 44N D . 17.40 -6.53 21.56
NAT 44N D . 18.81 -4.87 21.04
CBF 44N D . 19.51 -4.38 19.87
CAO 44N D . 20.93 -4.90 19.96
SAY 44N D . 21.05 -6.19 18.77
CBH 44N D . 19.67 -5.76 17.76
CAK 44N D . 19.02 -6.99 17.11
CAI 44N D . 18.03 -6.58 16.02
CAH 44N D . 17.57 -7.79 15.20
CAJ 44N D . 16.50 -7.38 14.18
CAZ 44N D . 16.23 -8.48 13.18
OAB 44N D . 17.09 -8.82 12.37
NAV 44N D . 15.03 -9.03 13.24
SBK 44N D . 14.56 -10.19 12.24
OAD 44N D . 14.66 -9.71 10.88
OAE 44N D . 13.20 -10.55 12.53
OAW 44N D . 15.47 -11.42 12.41
CAN 44N D . 15.51 -12.21 13.60
CBE 44N D . 15.86 -13.62 13.15
OAX 44N D . 17.22 -13.68 12.68
CAL 44N D . 15.74 -14.69 14.21
OAL 44N D . 14.40 -15.19 14.30
CAM 44N D . 16.69 -15.72 13.65
OAM 44N D . 16.05 -16.30 12.50
C8Q 44N D . 17.06 -16.83 14.63
CBG 44N D . 17.85 -14.90 13.11
N9 44N D . 18.95 -14.52 14.05
N7 44N D . 20.17 -14.02 15.81
N6 44N D . 23.08 -13.15 15.55
#